data_4MF3
#
_entry.id   4MF3
#
_cell.length_a   108.018
_cell.length_b   108.018
_cell.length_c   109.766
_cell.angle_alpha   90.000
_cell.angle_beta   90.000
_cell.angle_gamma   120.000
#
_symmetry.space_group_name_H-M   'P 32 2 1'
#
loop_
_entity.id
_entity.type
_entity.pdbx_description
1 polymer 'Glutamate receptor ionotropic, kainate 1'
2 non-polymer '(3S,4aS,6S,8aR)-6-[3-chloro-2-(1H-tetrazol-5-yl)phenoxy]decahydroisoquinoline-3-carboxylic acid'
3 water water
#
_entity_poly.entity_id   1
_entity_poly.type   'polypeptide(L)'
_entity_poly.pdbx_seq_one_letter_code
;SLANRTLIVTTILEEPYVMYRKSDKPLYGNDRFEGYCLDLLKELSNILGFIYDVKLVPDGKYGAQNDKGEWNGMVKELID
HRADLAVAPLTITYVREKVIDFSKPFMTLGISILYRKGTPIDSADDLAKQTKIEYGAVRDGSTMTFFKKSKISTYEKMWA
FMSSRQQTALVRNSDEGIQRVLTTDYALLMESTSIEYVTQRNCNLTQIGGLIDSKGYGVGTPIGSPYRDKITIAILQLQE
EGKLHMMKEKWWRGNGCPEEG
;
_entity_poly.pdbx_strand_id   A,B
#
# COMPACT_ATOMS: atom_id res chain seq x y z
N SER A 1 1.64 -29.35 5.72
CA SER A 1 1.17 -28.60 6.89
C SER A 1 -0.11 -27.77 6.59
N LEU A 2 -0.16 -27.00 5.44
CA LEU A 2 -1.32 -26.18 5.01
C LEU A 2 -2.50 -27.02 4.44
N ALA A 3 -2.22 -27.93 3.48
CA ALA A 3 -3.22 -28.82 2.88
C ALA A 3 -2.56 -30.11 2.43
N ASN A 4 -3.30 -31.23 2.59
CA ASN A 4 -2.93 -32.59 2.17
C ASN A 4 -2.87 -32.66 0.66
N ARG A 5 -3.86 -32.04 0.01
CA ARG A 5 -4.05 -31.98 -1.42
C ARG A 5 -3.08 -30.95 -2.08
N THR A 6 -2.82 -31.16 -3.38
CA THR A 6 -2.08 -30.24 -4.19
C THR A 6 -3.08 -29.12 -4.53
N LEU A 7 -2.71 -27.88 -4.22
CA LEU A 7 -3.58 -26.74 -4.51
C LEU A 7 -3.53 -26.36 -5.97
N ILE A 8 -4.68 -26.04 -6.54
CA ILE A 8 -4.78 -25.60 -7.93
C ILE A 8 -4.65 -24.11 -7.94
N VAL A 9 -3.64 -23.60 -8.67
CA VAL A 9 -3.40 -22.16 -8.77
C VAL A 9 -3.78 -21.63 -10.15
N THR A 10 -4.81 -20.75 -10.23
CA THR A 10 -5.16 -20.13 -11.50
C THR A 10 -4.28 -18.87 -11.65
N THR A 11 -3.81 -18.63 -12.85
CA THR A 11 -2.97 -17.49 -13.14
C THR A 11 -3.15 -17.07 -14.59
N ILE A 12 -2.45 -16.01 -14.98
CA ILE A 12 -2.52 -15.39 -16.30
C ILE A 12 -1.14 -14.91 -16.73
N LEU A 13 -0.87 -14.97 -18.05
CA LEU A 13 0.41 -14.49 -18.59
C LEU A 13 0.42 -12.95 -18.58
N GLU A 14 1.38 -12.37 -17.82
CA GLU A 14 1.55 -10.92 -17.65
C GLU A 14 2.97 -10.65 -17.24
N GLU A 15 3.77 -10.03 -18.10
CA GLU A 15 5.17 -9.79 -17.81
C GLU A 15 5.34 -8.71 -16.73
N PRO A 16 6.27 -8.88 -15.74
CA PRO A 16 7.11 -10.05 -15.47
C PRO A 16 6.55 -10.96 -14.35
N TYR A 17 5.26 -10.91 -14.10
CA TYR A 17 4.62 -11.69 -13.05
C TYR A 17 4.59 -13.15 -13.39
N VAL A 18 4.08 -13.51 -14.59
CA VAL A 18 3.94 -14.88 -15.06
C VAL A 18 4.30 -14.86 -16.50
N MET A 19 5.33 -15.62 -16.85
CA MET A 19 5.84 -15.73 -18.21
C MET A 19 6.15 -17.18 -18.59
N TYR A 20 6.14 -17.45 -19.90
CA TYR A 20 6.54 -18.74 -20.43
C TYR A 20 8.08 -18.83 -20.47
N ARG A 21 8.67 -19.91 -19.89
CA ARG A 21 10.14 -20.06 -19.88
C ARG A 21 10.68 -20.30 -21.24
N LYS A 22 11.72 -19.55 -21.61
CA LYS A 22 12.35 -19.73 -22.89
C LYS A 22 13.44 -20.76 -22.69
N SER A 23 13.22 -21.97 -23.19
CA SER A 23 14.13 -23.11 -23.17
C SER A 23 14.16 -23.68 -24.58
N ASP A 24 15.20 -24.44 -24.89
CA ASP A 24 15.33 -25.09 -26.21
C ASP A 24 14.76 -26.52 -26.14
N LYS A 25 14.66 -27.05 -24.89
CA LYS A 25 14.14 -28.37 -24.53
C LYS A 25 12.68 -28.25 -24.04
N PRO A 26 11.86 -29.31 -24.25
CA PRO A 26 10.49 -29.27 -23.72
C PRO A 26 10.45 -29.09 -22.21
N LEU A 27 9.48 -28.28 -21.78
CA LEU A 27 9.22 -28.04 -20.36
C LEU A 27 7.83 -28.56 -20.00
N TYR A 28 7.68 -29.05 -18.76
CA TYR A 28 6.44 -29.66 -18.29
C TYR A 28 5.99 -29.11 -16.96
N GLY A 29 4.68 -29.11 -16.72
CA GLY A 29 4.08 -28.66 -15.46
C GLY A 29 4.42 -27.22 -15.08
N ASN A 30 4.73 -27.01 -13.80
CA ASN A 30 5.06 -25.69 -13.31
C ASN A 30 6.33 -25.13 -13.90
N ASP A 31 7.26 -26.02 -14.37
CA ASP A 31 8.54 -25.61 -14.96
C ASP A 31 8.38 -24.84 -16.23
N ARG A 32 7.18 -24.81 -16.79
CA ARG A 32 6.93 -24.03 -17.99
C ARG A 32 6.89 -22.55 -17.74
N PHE A 33 6.74 -22.15 -16.47
CA PHE A 33 6.54 -20.75 -16.10
C PHE A 33 7.58 -20.21 -15.17
N GLU A 34 7.73 -18.89 -15.21
CA GLU A 34 8.67 -18.15 -14.37
C GLU A 34 8.12 -16.75 -14.16
N GLY A 35 8.66 -16.06 -13.18
CA GLY A 35 8.24 -14.70 -12.92
C GLY A 35 8.07 -14.39 -11.46
N TYR A 36 7.75 -13.14 -11.17
CA TYR A 36 7.54 -12.68 -9.82
C TYR A 36 6.52 -13.56 -9.13
N CYS A 37 5.40 -13.86 -9.78
CA CYS A 37 4.36 -14.66 -9.12
C CYS A 37 4.72 -16.14 -8.93
N LEU A 38 5.59 -16.69 -9.78
CA LEU A 38 6.08 -18.04 -9.57
C LEU A 38 7.03 -18.09 -8.37
N ASP A 39 7.86 -17.06 -8.21
CA ASP A 39 8.75 -16.89 -7.07
C ASP A 39 7.94 -16.67 -5.79
N LEU A 40 6.87 -15.86 -5.87
CA LEU A 40 5.99 -15.66 -4.73
C LEU A 40 5.35 -16.99 -4.30
N LEU A 41 4.85 -17.81 -5.28
CA LEU A 41 4.29 -19.13 -4.98
C LEU A 41 5.33 -19.99 -4.28
N LYS A 42 6.60 -20.01 -4.80
CA LYS A 42 7.66 -20.80 -4.21
C LYS A 42 7.85 -20.40 -2.77
N GLU A 43 7.92 -19.08 -2.48
CA GLU A 43 8.13 -18.57 -1.13
C GLU A 43 6.95 -18.87 -0.21
N LEU A 44 5.71 -18.70 -0.69
CA LEU A 44 4.53 -19.02 0.09
C LEU A 44 4.47 -20.53 0.42
N SER A 45 4.77 -21.42 -0.57
CA SER A 45 4.78 -22.85 -0.30
C SER A 45 5.90 -23.24 0.67
N ASN A 46 7.03 -22.56 0.64
CA ASN A 46 8.15 -22.82 1.55
C ASN A 46 7.72 -22.49 3.00
N ILE A 47 6.96 -21.42 3.19
CA ILE A 47 6.48 -21.04 4.51
C ILE A 47 5.33 -21.93 4.98
N LEU A 48 4.35 -22.18 4.10
CA LEU A 48 3.13 -22.88 4.46
C LEU A 48 3.14 -24.38 4.22
N GLY A 49 4.04 -24.88 3.41
CA GLY A 49 4.13 -26.31 3.16
C GLY A 49 3.09 -26.93 2.26
N PHE A 50 2.59 -26.21 1.28
CA PHE A 50 1.65 -26.80 0.33
C PHE A 50 2.33 -27.12 -1.02
N ILE A 51 1.72 -28.06 -1.75
CA ILE A 51 2.11 -28.35 -3.12
C ILE A 51 1.09 -27.69 -4.03
N TYR A 52 1.50 -27.31 -5.23
CA TYR A 52 0.65 -26.56 -6.12
C TYR A 52 0.84 -26.94 -7.55
N ASP A 53 -0.22 -26.73 -8.33
CA ASP A 53 -0.31 -27.02 -9.75
C ASP A 53 -0.84 -25.75 -10.42
N VAL A 54 0.00 -25.10 -11.23
CA VAL A 54 -0.30 -23.84 -11.93
C VAL A 54 -1.09 -24.14 -13.19
N LYS A 55 -2.25 -23.47 -13.36
CA LYS A 55 -3.10 -23.60 -14.55
C LYS A 55 -3.47 -22.22 -15.09
N LEU A 56 -3.08 -21.91 -16.34
CA LEU A 56 -3.48 -20.63 -16.94
C LEU A 56 -5.01 -20.59 -17.11
N VAL A 57 -5.62 -19.47 -16.72
CA VAL A 57 -7.08 -19.29 -16.79
C VAL A 57 -7.50 -19.46 -18.28
N PRO A 58 -8.38 -20.44 -18.60
CA PRO A 58 -8.72 -20.66 -20.00
C PRO A 58 -9.07 -19.44 -20.81
N ASP A 59 -9.95 -18.55 -20.28
CA ASP A 59 -10.38 -17.39 -21.08
C ASP A 59 -9.39 -16.25 -21.10
N GLY A 60 -8.28 -16.38 -20.37
CA GLY A 60 -7.23 -15.36 -20.32
C GLY A 60 -7.66 -14.01 -19.77
N LYS A 61 -8.61 -14.02 -18.80
CA LYS A 61 -9.11 -12.79 -18.19
C LYS A 61 -8.88 -12.75 -16.69
N TYR A 62 -8.80 -11.52 -16.12
CA TYR A 62 -8.62 -11.36 -14.70
C TYR A 62 -9.91 -11.63 -13.96
N GLY A 63 -10.99 -10.98 -14.39
CA GLY A 63 -12.30 -11.20 -13.80
C GLY A 63 -13.15 -9.96 -13.76
N ALA A 64 -14.26 -9.99 -14.50
CA ALA A 64 -15.29 -8.92 -14.60
C ALA A 64 -16.67 -9.52 -14.78
N GLN A 65 -17.72 -8.70 -14.54
CA GLN A 65 -19.11 -9.12 -14.72
C GLN A 65 -19.61 -8.66 -16.05
N ASN A 66 -20.32 -9.53 -16.77
CA ASN A 66 -20.95 -9.13 -18.04
C ASN A 66 -22.36 -8.57 -17.75
N ASP A 67 -23.11 -8.26 -18.83
CA ASP A 67 -24.47 -7.70 -18.77
C ASP A 67 -25.48 -8.55 -18.01
N LYS A 68 -25.26 -9.88 -17.97
CA LYS A 68 -26.10 -10.85 -17.28
C LYS A 68 -25.70 -10.99 -15.82
N GLY A 69 -24.66 -10.24 -15.41
CA GLY A 69 -24.09 -10.30 -14.07
C GLY A 69 -23.33 -11.59 -13.83
N GLU A 70 -22.78 -12.19 -14.92
CA GLU A 70 -22.00 -13.42 -14.83
C GLU A 70 -20.51 -13.03 -14.78
N TRP A 71 -19.78 -13.64 -13.86
CA TRP A 71 -18.36 -13.39 -13.74
C TRP A 71 -17.53 -14.26 -14.72
N ASN A 72 -16.35 -13.76 -15.16
CA ASN A 72 -15.40 -14.50 -15.98
C ASN A 72 -14.01 -14.57 -15.31
N GLY A 73 -13.02 -15.04 -16.06
CA GLY A 73 -11.62 -15.08 -15.66
C GLY A 73 -11.28 -15.84 -14.40
N MET A 74 -10.17 -15.43 -13.76
CA MET A 74 -9.67 -16.04 -12.52
C MET A 74 -10.70 -15.95 -11.42
N VAL A 75 -11.44 -14.83 -11.38
CA VAL A 75 -12.47 -14.63 -10.37
C VAL A 75 -13.52 -15.74 -10.48
N LYS A 76 -13.97 -16.02 -11.72
CA LYS A 76 -14.96 -17.07 -11.95
C LYS A 76 -14.44 -18.45 -11.55
N GLU A 77 -13.15 -18.73 -11.83
CA GLU A 77 -12.54 -20.02 -11.45
C GLU A 77 -12.57 -20.23 -9.96
N LEU A 78 -12.36 -19.16 -9.19
CA LEU A 78 -12.41 -19.21 -7.73
C LEU A 78 -13.84 -19.40 -7.27
N ILE A 79 -14.78 -18.60 -7.85
CA ILE A 79 -16.21 -18.67 -7.50
C ILE A 79 -16.72 -20.11 -7.65
N ASP A 80 -16.35 -20.78 -8.75
CA ASP A 80 -16.79 -22.13 -9.07
C ASP A 80 -15.97 -23.25 -8.43
N HIS A 81 -14.96 -22.90 -7.62
CA HIS A 81 -14.09 -23.85 -6.92
C HIS A 81 -13.26 -24.72 -7.89
N ARG A 82 -12.95 -24.19 -9.06
CA ARG A 82 -12.05 -24.84 -10.01
C ARG A 82 -10.56 -24.52 -9.68
N ALA A 83 -10.32 -23.51 -8.81
CA ALA A 83 -8.99 -23.11 -8.35
C ALA A 83 -9.04 -22.84 -6.88
N ASP A 84 -7.92 -23.05 -6.18
CA ASP A 84 -7.82 -22.83 -4.75
C ASP A 84 -7.26 -21.44 -4.46
N LEU A 85 -6.35 -20.98 -5.34
CA LEU A 85 -5.70 -19.70 -5.25
C LEU A 85 -5.61 -19.10 -6.61
N ALA A 86 -5.64 -17.77 -6.68
CA ALA A 86 -5.32 -17.04 -7.89
C ALA A 86 -4.08 -16.22 -7.52
N VAL A 87 -2.92 -16.53 -8.14
CA VAL A 87 -1.67 -15.82 -7.88
C VAL A 87 -1.30 -15.12 -9.18
N ALA A 88 -1.58 -13.82 -9.24
CA ALA A 88 -1.39 -12.98 -10.41
C ALA A 88 -1.48 -11.52 -9.96
N PRO A 89 -1.15 -10.51 -10.80
CA PRO A 89 -1.37 -9.11 -10.39
C PRO A 89 -2.87 -8.81 -10.47
N LEU A 90 -3.61 -9.37 -9.53
CA LEU A 90 -5.07 -9.27 -9.45
C LEU A 90 -5.44 -8.19 -8.47
N THR A 91 -6.00 -7.07 -8.96
CA THR A 91 -6.30 -5.95 -8.09
C THR A 91 -7.40 -6.24 -7.11
N ILE A 92 -7.15 -5.93 -5.80
CA ILE A 92 -8.15 -6.02 -4.74
C ILE A 92 -9.16 -4.90 -4.99
N THR A 93 -10.40 -5.26 -5.33
CA THR A 93 -11.42 -4.23 -5.59
C THR A 93 -12.67 -4.49 -4.81
N TYR A 94 -13.46 -3.45 -4.54
CA TYR A 94 -14.74 -3.56 -3.88
C TYR A 94 -15.67 -4.60 -4.60
N VAL A 95 -15.83 -4.53 -5.95
CA VAL A 95 -16.71 -5.49 -6.65
C VAL A 95 -16.28 -6.93 -6.47
N ARG A 96 -14.95 -7.20 -6.57
CA ARG A 96 -14.42 -8.56 -6.46
C ARG A 96 -14.51 -9.06 -5.04
N GLU A 97 -14.26 -8.21 -4.04
CA GLU A 97 -14.31 -8.59 -2.62
C GLU A 97 -15.69 -9.04 -2.19
N LYS A 98 -16.71 -8.64 -2.96
CA LYS A 98 -18.11 -9.04 -2.74
C LYS A 98 -18.34 -10.53 -3.15
N VAL A 99 -17.49 -11.08 -4.05
CA VAL A 99 -17.65 -12.45 -4.57
C VAL A 99 -16.48 -13.47 -4.28
N ILE A 100 -15.29 -12.95 -3.92
CA ILE A 100 -14.13 -13.75 -3.54
C ILE A 100 -13.42 -13.11 -2.35
N ASP A 101 -12.46 -13.83 -1.77
CA ASP A 101 -11.65 -13.29 -0.70
C ASP A 101 -10.27 -12.96 -1.26
N PHE A 102 -9.56 -12.02 -0.61
CA PHE A 102 -8.21 -11.69 -1.00
C PHE A 102 -7.33 -11.69 0.19
N SER A 103 -6.06 -12.05 -0.01
CA SER A 103 -5.01 -11.91 1.01
C SER A 103 -4.75 -10.39 1.07
N LYS A 104 -4.06 -9.94 2.10
CA LYS A 104 -3.59 -8.56 2.14
C LYS A 104 -2.63 -8.38 0.92
N PRO A 105 -2.45 -7.16 0.38
CA PRO A 105 -1.65 -7.03 -0.82
C PRO A 105 -0.19 -7.49 -0.70
N PHE A 106 0.35 -8.11 -1.76
CA PHE A 106 1.77 -8.43 -1.79
C PHE A 106 2.52 -7.31 -2.51
N MET A 107 1.76 -6.45 -3.23
CA MET A 107 2.31 -5.33 -3.98
C MET A 107 1.33 -4.17 -3.95
N THR A 108 1.81 -2.96 -3.62
CA THR A 108 0.99 -1.74 -3.69
C THR A 108 1.51 -0.83 -4.80
N LEU A 109 0.58 -0.14 -5.45
CA LEU A 109 0.85 0.69 -6.62
C LEU A 109 -0.23 1.75 -6.74
N GLY A 110 -0.36 2.31 -7.94
CA GLY A 110 -1.40 3.27 -8.26
C GLY A 110 -1.29 3.70 -9.70
N ILE A 111 -2.25 4.52 -10.17
CA ILE A 111 -2.20 5.09 -11.51
C ILE A 111 -1.09 6.15 -11.54
N SER A 112 -0.31 6.19 -12.61
CA SER A 112 0.68 7.24 -12.78
C SER A 112 0.81 7.52 -14.26
N ILE A 113 1.78 8.34 -14.64
CA ILE A 113 1.96 8.75 -16.04
C ILE A 113 3.24 8.23 -16.65
N LEU A 114 3.14 7.68 -17.85
CA LEU A 114 4.30 7.32 -18.63
C LEU A 114 4.43 8.39 -19.73
N TYR A 115 5.63 8.94 -19.90
CA TYR A 115 5.88 9.94 -20.94
C TYR A 115 7.37 9.93 -21.31
N ARG A 116 7.77 10.78 -22.27
CA ARG A 116 9.16 10.93 -22.67
C ARG A 116 9.96 11.65 -21.59
N LYS A 117 11.24 11.30 -21.51
CA LYS A 117 12.18 11.88 -20.58
C LYS A 117 12.56 13.30 -21.00
N GLY A 118 12.99 14.10 -20.00
CA GLY A 118 13.52 15.46 -20.16
C GLY A 118 12.59 16.59 -20.57
N THR A 119 11.28 16.45 -20.35
CA THR A 119 10.34 17.52 -20.68
C THR A 119 10.07 18.39 -19.44
N PRO A 120 9.38 19.56 -19.59
CA PRO A 120 9.06 20.36 -18.39
C PRO A 120 7.87 19.85 -17.55
N ILE A 121 7.18 18.79 -18.03
CA ILE A 121 6.02 18.19 -17.35
C ILE A 121 6.42 17.40 -16.09
N ASP A 122 5.78 17.70 -14.95
CA ASP A 122 6.14 17.06 -13.69
C ASP A 122 4.96 16.46 -12.91
N SER A 123 3.71 16.63 -13.39
CA SER A 123 2.53 16.11 -12.67
C SER A 123 1.30 16.03 -13.56
N ALA A 124 0.19 15.45 -13.03
CA ALA A 124 -1.10 15.38 -13.71
C ALA A 124 -1.62 16.79 -13.94
N ASP A 125 -1.43 17.67 -12.94
CA ASP A 125 -1.85 19.06 -13.02
C ASP A 125 -1.19 19.79 -14.18
N ASP A 126 0.11 19.53 -14.44
CA ASP A 126 0.82 20.10 -15.59
C ASP A 126 0.19 19.67 -16.88
N LEU A 127 -0.27 18.42 -16.98
CA LEU A 127 -0.94 17.94 -18.18
C LEU A 127 -2.35 18.54 -18.31
N ALA A 128 -3.09 18.61 -17.18
CA ALA A 128 -4.48 19.09 -17.13
C ALA A 128 -4.63 20.54 -17.61
N LYS A 129 -3.61 21.37 -17.30
CA LYS A 129 -3.53 22.79 -17.62
C LYS A 129 -3.39 23.10 -19.13
N GLN A 130 -2.97 22.13 -19.94
CA GLN A 130 -2.70 22.35 -21.34
C GLN A 130 -3.43 21.37 -22.26
N THR A 131 -3.21 21.52 -23.59
CA THR A 131 -3.88 20.72 -24.63
C THR A 131 -2.93 20.34 -25.77
N LYS A 132 -1.73 20.94 -25.80
CA LYS A 132 -0.70 20.66 -26.81
C LYS A 132 -0.24 19.20 -26.72
N ILE A 133 0.15 18.77 -25.50
CA ILE A 133 0.55 17.39 -25.19
C ILE A 133 -0.72 16.61 -24.95
N GLU A 134 -0.98 15.62 -25.82
CA GLU A 134 -2.14 14.75 -25.64
C GLU A 134 -1.86 13.73 -24.55
N TYR A 135 -2.88 13.38 -23.78
CA TYR A 135 -2.81 12.37 -22.72
C TYR A 135 -4.06 11.53 -22.72
N GLY A 136 -3.97 10.31 -22.22
CA GLY A 136 -5.12 9.42 -22.22
C GLY A 136 -4.88 8.08 -21.57
N ALA A 137 -5.74 7.10 -21.88
CA ALA A 137 -5.68 5.77 -21.27
C ALA A 137 -6.29 4.72 -22.18
N VAL A 138 -6.16 3.44 -21.82
CA VAL A 138 -6.74 2.33 -22.57
C VAL A 138 -8.25 2.37 -22.39
N ARG A 139 -9.01 2.32 -23.50
CA ARG A 139 -10.47 2.36 -23.50
C ARG A 139 -11.03 1.23 -22.67
N ASP A 140 -11.91 1.58 -21.69
CA ASP A 140 -12.60 0.68 -20.76
C ASP A 140 -11.66 -0.08 -19.80
N GLY A 141 -10.40 0.36 -19.70
CA GLY A 141 -9.41 -0.16 -18.77
C GLY A 141 -9.70 0.35 -17.38
N SER A 142 -8.95 -0.16 -16.37
CA SER A 142 -9.14 0.23 -14.97
C SER A 142 -8.88 1.70 -14.82
N THR A 143 -7.84 2.17 -15.51
CA THR A 143 -7.39 3.55 -15.47
C THR A 143 -8.45 4.49 -16.05
N MET A 144 -9.07 4.12 -17.19
CA MET A 144 -10.13 4.96 -17.76
C MET A 144 -11.33 5.10 -16.82
N THR A 145 -11.74 3.98 -16.19
CA THR A 145 -12.86 3.94 -15.25
C THR A 145 -12.66 4.94 -14.11
N PHE A 146 -11.42 5.03 -13.58
CA PHE A 146 -11.08 5.93 -12.49
C PHE A 146 -11.34 7.33 -12.88
N PHE A 147 -10.86 7.75 -14.07
CA PHE A 147 -11.04 9.11 -14.53
C PHE A 147 -12.48 9.46 -14.79
N LYS A 148 -13.20 8.54 -15.43
CA LYS A 148 -14.60 8.72 -15.76
C LYS A 148 -15.45 8.98 -14.49
N LYS A 149 -15.12 8.29 -13.39
CA LYS A 149 -15.86 8.36 -12.14
C LYS A 149 -15.40 9.45 -11.13
N SER A 150 -14.18 9.99 -11.32
CA SER A 150 -13.58 10.95 -10.38
C SER A 150 -14.33 12.25 -10.18
N LYS A 151 -14.37 12.71 -8.94
CA LYS A 151 -14.95 13.98 -8.52
C LYS A 151 -13.84 15.00 -8.17
N ILE A 152 -12.58 14.59 -8.28
CA ILE A 152 -11.45 15.48 -8.06
C ILE A 152 -11.34 16.43 -9.26
N SER A 153 -11.31 17.73 -9.00
CA SER A 153 -11.29 18.76 -10.03
C SER A 153 -10.26 18.49 -11.13
N THR A 154 -8.97 18.25 -10.77
CA THR A 154 -7.91 17.97 -11.76
C THR A 154 -8.29 16.81 -12.68
N TYR A 155 -8.75 15.69 -12.07
CA TYR A 155 -9.05 14.46 -12.82
C TYR A 155 -10.34 14.54 -13.59
N GLU A 156 -11.31 15.33 -13.09
CA GLU A 156 -12.57 15.57 -13.79
C GLU A 156 -12.27 16.36 -15.09
N LYS A 157 -11.36 17.36 -15.00
CA LYS A 157 -10.91 18.15 -16.15
C LYS A 157 -10.18 17.25 -17.18
N MET A 158 -9.33 16.33 -16.67
CA MET A 158 -8.58 15.37 -17.51
C MET A 158 -9.53 14.41 -18.22
N TRP A 159 -10.59 13.98 -17.51
CA TRP A 159 -11.59 13.12 -18.13
C TRP A 159 -12.35 13.87 -19.23
N ALA A 160 -12.70 15.15 -18.97
CA ALA A 160 -13.36 15.98 -19.96
C ALA A 160 -12.50 16.05 -21.23
N PHE A 161 -11.20 16.24 -21.04
CA PHE A 161 -10.24 16.26 -22.14
C PHE A 161 -10.22 14.92 -22.91
N MET A 162 -10.16 13.79 -22.19
CA MET A 162 -10.07 12.44 -22.77
C MET A 162 -11.32 12.02 -23.51
N SER A 163 -12.51 12.28 -22.92
CA SER A 163 -13.80 11.87 -23.48
C SER A 163 -14.16 12.64 -24.73
N SER A 164 -13.89 13.97 -24.72
CA SER A 164 -14.12 14.84 -25.88
C SER A 164 -13.14 14.51 -27.03
N ARG A 165 -11.89 14.16 -26.70
CA ARG A 165 -10.88 13.82 -27.70
C ARG A 165 -10.65 12.30 -27.80
N GLN A 166 -11.71 11.50 -27.56
CA GLN A 166 -11.68 10.04 -27.47
C GLN A 166 -10.90 9.33 -28.61
N GLN A 167 -11.11 9.74 -29.85
CA GLN A 167 -10.49 9.11 -31.02
C GLN A 167 -8.96 9.04 -30.96
N THR A 168 -8.33 10.06 -30.39
CA THR A 168 -6.87 10.13 -30.28
C THR A 168 -6.37 9.85 -28.86
N ALA A 169 -7.11 10.35 -27.84
CA ALA A 169 -6.73 10.22 -26.42
C ALA A 169 -6.95 8.82 -25.84
N LEU A 170 -8.07 8.16 -26.20
CA LEU A 170 -8.33 6.80 -25.70
C LEU A 170 -7.82 5.78 -26.69
N VAL A 171 -6.96 4.86 -26.21
CA VAL A 171 -6.31 3.82 -27.03
C VAL A 171 -6.99 2.45 -26.88
N ARG A 172 -6.86 1.60 -27.90
CA ARG A 172 -7.57 0.32 -27.87
C ARG A 172 -6.96 -0.67 -26.92
N ASN A 173 -5.63 -0.67 -26.79
CA ASN A 173 -4.90 -1.58 -25.91
C ASN A 173 -3.55 -1.01 -25.45
N SER A 174 -2.91 -1.69 -24.49
CA SER A 174 -1.63 -1.29 -23.91
C SER A 174 -0.52 -1.09 -24.94
N ASP A 175 -0.45 -2.00 -25.93
CA ASP A 175 0.56 -1.94 -27.00
C ASP A 175 0.39 -0.67 -27.81
N GLU A 176 -0.86 -0.36 -28.20
CA GLU A 176 -1.23 0.86 -28.93
C GLU A 176 -0.82 2.09 -28.11
N GLY A 177 -1.12 2.08 -26.81
CA GLY A 177 -0.74 3.16 -25.92
C GLY A 177 0.75 3.41 -25.83
N ILE A 178 1.55 2.34 -25.73
CA ILE A 178 3.00 2.49 -25.64
C ILE A 178 3.57 3.00 -26.98
N GLN A 179 3.02 2.53 -28.12
CA GLN A 179 3.46 3.00 -29.43
C GLN A 179 3.19 4.50 -29.58
N ARG A 180 2.05 4.98 -29.04
CA ARG A 180 1.67 6.39 -29.09
C ARG A 180 2.68 7.24 -28.32
N VAL A 181 3.14 6.78 -27.15
CA VAL A 181 4.11 7.51 -26.31
C VAL A 181 5.46 7.60 -27.07
N LEU A 182 5.80 6.52 -27.79
CA LEU A 182 7.05 6.41 -28.54
C LEU A 182 7.07 7.19 -29.85
N THR A 183 5.93 7.24 -30.57
CA THR A 183 5.86 7.88 -31.87
C THR A 183 5.27 9.31 -31.87
N THR A 184 4.38 9.63 -30.91
CA THR A 184 3.72 10.94 -30.88
C THR A 184 4.00 11.74 -29.60
N ASP A 185 3.42 12.95 -29.47
CA ASP A 185 3.58 13.75 -28.24
C ASP A 185 2.41 13.39 -27.32
N TYR A 186 2.53 12.22 -26.68
CA TYR A 186 1.47 11.60 -25.91
C TYR A 186 1.91 11.05 -24.55
N ALA A 187 1.11 11.29 -23.52
CA ALA A 187 1.36 10.78 -22.18
C ALA A 187 0.29 9.74 -21.83
N LEU A 188 0.71 8.56 -21.35
CA LEU A 188 -0.19 7.44 -21.06
C LEU A 188 -0.41 7.24 -19.57
N LEU A 189 -1.66 7.28 -19.14
CA LEU A 189 -2.02 7.02 -17.76
C LEU A 189 -2.19 5.52 -17.64
N MET A 190 -1.48 4.93 -16.66
CA MET A 190 -1.43 3.48 -16.53
C MET A 190 -0.91 3.05 -15.16
N GLU A 191 -1.00 1.74 -14.88
CA GLU A 191 -0.57 1.18 -13.58
C GLU A 191 0.92 1.36 -13.37
N SER A 192 1.28 1.94 -12.22
CA SER A 192 2.65 2.34 -11.87
C SER A 192 3.67 1.23 -11.89
N THR A 193 3.28 0.01 -11.51
CA THR A 193 4.18 -1.16 -11.57
C THR A 193 4.64 -1.40 -13.00
N SER A 194 3.73 -1.26 -13.98
CA SER A 194 4.02 -1.46 -15.39
C SER A 194 4.88 -0.32 -15.94
N ILE A 195 4.70 0.89 -15.39
CA ILE A 195 5.53 2.03 -15.75
C ILE A 195 6.95 1.76 -15.29
N GLU A 196 7.14 1.30 -14.05
CA GLU A 196 8.48 1.02 -13.52
C GLU A 196 9.19 -0.01 -14.41
N TYR A 197 8.45 -1.03 -14.84
CA TYR A 197 8.97 -2.08 -15.68
C TYR A 197 9.48 -1.58 -17.02
N VAL A 198 8.65 -0.77 -17.70
CA VAL A 198 8.93 -0.18 -19.01
C VAL A 198 10.10 0.80 -18.96
N THR A 199 10.11 1.72 -17.98
CA THR A 199 11.18 2.72 -17.84
C THR A 199 12.54 2.11 -17.49
N GLN A 200 12.55 0.92 -16.89
CA GLN A 200 13.80 0.24 -16.59
C GLN A 200 14.43 -0.29 -17.87
N ARG A 201 13.61 -0.46 -18.91
CA ARG A 201 13.98 -1.07 -20.18
C ARG A 201 13.98 -0.14 -21.38
N ASN A 202 13.47 1.09 -21.21
CA ASN A 202 13.48 2.09 -22.27
C ASN A 202 13.87 3.43 -21.68
N CYS A 203 15.12 3.83 -21.92
CA CYS A 203 15.70 5.05 -21.36
C CYS A 203 15.09 6.35 -21.87
N ASN A 204 14.35 6.26 -23.00
CA ASN A 204 13.69 7.42 -23.59
C ASN A 204 12.46 7.84 -22.75
N LEU A 205 11.92 6.88 -21.98
CA LEU A 205 10.69 7.06 -21.21
C LEU A 205 10.90 7.25 -19.71
N THR A 206 9.93 7.89 -19.07
CA THR A 206 9.98 8.15 -17.66
C THR A 206 8.59 8.22 -17.04
N GLN A 207 8.52 8.04 -15.73
CA GLN A 207 7.28 8.20 -15.01
C GLN A 207 7.17 9.69 -14.69
N ILE A 208 5.96 10.26 -14.87
CA ILE A 208 5.67 11.66 -14.54
C ILE A 208 4.85 11.73 -13.28
N GLY A 209 5.41 12.37 -12.27
CA GLY A 209 4.75 12.56 -10.99
C GLY A 209 4.69 11.30 -10.17
N GLY A 210 3.84 11.34 -9.16
CA GLY A 210 3.64 10.23 -8.25
C GLY A 210 2.39 9.45 -8.59
N LEU A 211 1.81 8.85 -7.56
CA LEU A 211 0.64 8.01 -7.71
C LEU A 211 -0.65 8.80 -7.61
N ILE A 212 -1.55 8.61 -8.57
CA ILE A 212 -2.84 9.28 -8.67
C ILE A 212 -3.90 8.63 -7.79
N ASP A 213 -3.82 7.30 -7.61
CA ASP A 213 -4.67 6.58 -6.65
C ASP A 213 -3.80 5.60 -5.87
N SER A 214 -4.43 4.65 -5.18
CA SER A 214 -3.73 3.63 -4.43
C SER A 214 -4.51 2.34 -4.55
N LYS A 215 -3.83 1.26 -4.92
CA LYS A 215 -4.45 -0.07 -5.01
C LYS A 215 -3.39 -1.12 -4.80
N GLY A 216 -3.81 -2.34 -4.56
CA GLY A 216 -2.87 -3.40 -4.34
C GLY A 216 -3.29 -4.66 -5.02
N TYR A 217 -2.32 -5.53 -5.29
CA TYR A 217 -2.59 -6.83 -5.83
C TYR A 217 -2.58 -7.79 -4.67
N GLY A 218 -3.52 -8.72 -4.65
CA GLY A 218 -3.60 -9.73 -3.60
C GLY A 218 -3.80 -11.11 -4.16
N VAL A 219 -3.57 -12.13 -3.34
CA VAL A 219 -3.80 -13.52 -3.74
C VAL A 219 -5.30 -13.73 -3.56
N GLY A 220 -5.97 -14.16 -4.61
CA GLY A 220 -7.40 -14.40 -4.49
C GLY A 220 -7.68 -15.81 -4.04
N THR A 221 -8.77 -16.00 -3.32
CA THR A 221 -9.21 -17.33 -2.88
C THR A 221 -10.71 -17.35 -2.97
N PRO A 222 -11.35 -18.55 -2.94
CA PRO A 222 -12.82 -18.59 -2.82
C PRO A 222 -13.23 -18.02 -1.43
N ILE A 223 -14.43 -17.40 -1.35
CA ILE A 223 -14.92 -16.91 -0.07
C ILE A 223 -14.84 -18.02 0.95
N GLY A 224 -14.30 -17.70 2.10
CA GLY A 224 -14.25 -18.64 3.21
C GLY A 224 -13.02 -19.50 3.31
N SER A 225 -12.15 -19.48 2.28
CA SER A 225 -10.94 -20.32 2.26
C SER A 225 -10.08 -20.09 3.48
N PRO A 226 -9.71 -21.17 4.20
CA PRO A 226 -8.78 -21.02 5.33
C PRO A 226 -7.37 -20.60 4.88
N TYR A 227 -7.02 -20.77 3.60
CA TYR A 227 -5.68 -20.42 3.12
C TYR A 227 -5.47 -18.91 3.03
N ARG A 228 -6.55 -18.13 2.99
CA ARG A 228 -6.48 -16.67 2.81
C ARG A 228 -5.72 -16.01 3.94
N ASP A 229 -6.08 -16.27 5.18
CA ASP A 229 -5.37 -15.66 6.32
C ASP A 229 -3.95 -16.19 6.48
N LYS A 230 -3.70 -17.47 6.13
CA LYS A 230 -2.36 -18.04 6.19
C LYS A 230 -1.49 -17.37 5.16
N ILE A 231 -2.03 -17.12 3.98
CA ILE A 231 -1.32 -16.40 2.93
C ILE A 231 -0.97 -15.00 3.39
N THR A 232 -1.94 -14.28 3.94
CA THR A 232 -1.71 -12.92 4.42
C THR A 232 -0.52 -12.91 5.37
N ILE A 233 -0.47 -13.85 6.32
CA ILE A 233 0.63 -13.93 7.30
C ILE A 233 1.97 -14.24 6.60
N ALA A 234 1.98 -15.15 5.63
CA ALA A 234 3.19 -15.48 4.89
C ALA A 234 3.70 -14.28 4.11
N ILE A 235 2.78 -13.49 3.49
CA ILE A 235 3.12 -12.24 2.79
C ILE A 235 3.78 -11.24 3.77
N LEU A 236 3.24 -11.11 5.01
CA LEU A 236 3.79 -10.18 6.02
C LEU A 236 5.16 -10.61 6.43
N GLN A 237 5.37 -11.95 6.53
CA GLN A 237 6.67 -12.51 6.85
C GLN A 237 7.65 -12.16 5.73
N LEU A 238 7.27 -12.40 4.49
CA LEU A 238 8.15 -12.11 3.36
C LEU A 238 8.51 -10.64 3.26
N GLN A 239 7.61 -9.75 3.61
CA GLN A 239 7.96 -8.37 3.53
C GLN A 239 8.93 -8.01 4.62
N GLU A 240 8.65 -8.44 5.83
CA GLU A 240 9.50 -8.13 6.98
C GLU A 240 10.90 -8.70 6.82
N GLU A 241 11.04 -9.91 6.18
CA GLU A 241 12.32 -10.55 5.85
C GLU A 241 13.07 -9.84 4.69
N GLY A 242 12.39 -8.93 3.98
CA GLY A 242 12.93 -8.20 2.84
C GLY A 242 12.88 -9.01 1.56
N LYS A 243 12.16 -10.15 1.57
CA LYS A 243 12.11 -10.98 0.38
C LYS A 243 11.24 -10.37 -0.74
N LEU A 244 10.14 -9.64 -0.39
CA LEU A 244 9.32 -8.97 -1.41
C LEU A 244 10.13 -7.88 -2.11
N HIS A 245 11.02 -7.20 -1.37
CA HIS A 245 11.89 -6.18 -1.94
C HIS A 245 12.83 -6.82 -2.92
N MET A 246 13.45 -7.94 -2.51
CA MET A 246 14.40 -8.66 -3.34
C MET A 246 13.75 -9.20 -4.60
N MET A 247 12.51 -9.71 -4.50
CA MET A 247 11.77 -10.25 -5.64
C MET A 247 11.42 -9.19 -6.64
N LYS A 248 10.99 -7.99 -6.15
CA LYS A 248 10.64 -6.87 -7.02
C LYS A 248 11.87 -6.41 -7.77
N GLU A 249 13.02 -6.27 -7.07
CA GLU A 249 14.32 -5.89 -7.68
C GLU A 249 14.71 -6.89 -8.78
N LYS A 250 14.67 -8.20 -8.46
CA LYS A 250 15.05 -9.26 -9.38
C LYS A 250 14.35 -9.13 -10.72
N TRP A 251 13.02 -8.98 -10.71
CA TRP A 251 12.20 -8.96 -11.93
C TRP A 251 12.05 -7.60 -12.55
N TRP A 252 12.16 -6.51 -11.77
CA TRP A 252 11.98 -5.18 -12.36
C TRP A 252 13.25 -4.52 -12.83
N ARG A 253 14.35 -4.67 -12.08
CA ARG A 253 15.57 -3.94 -12.41
C ARG A 253 16.12 -4.21 -13.81
N GLY A 254 16.51 -3.12 -14.46
CA GLY A 254 17.08 -3.07 -15.80
C GLY A 254 18.55 -2.73 -15.71
N ASN A 255 19.23 -2.67 -16.85
CA ASN A 255 20.67 -2.45 -16.83
C ASN A 255 21.12 -0.99 -16.73
N GLY A 256 20.17 -0.08 -16.54
CA GLY A 256 20.51 1.32 -16.35
C GLY A 256 20.45 2.17 -17.59
N CYS A 257 20.50 3.49 -17.34
CA CYS A 257 20.43 4.59 -18.29
C CYS A 257 21.56 5.60 -18.09
N PRO A 258 21.89 6.44 -19.10
CA PRO A 258 22.98 7.42 -18.90
C PRO A 258 22.68 8.47 -17.80
N SER B 1 -27.25 -1.96 10.18
CA SER B 1 -27.38 -3.30 10.74
C SER B 1 -25.99 -4.01 10.73
N LEU B 2 -25.29 -4.03 11.88
CA LEU B 2 -24.00 -4.72 12.11
C LEU B 2 -24.04 -5.51 13.46
N ALA B 3 -24.78 -4.98 14.49
CA ALA B 3 -25.03 -5.57 15.82
C ALA B 3 -26.02 -4.70 16.60
N ASN B 4 -26.88 -5.36 17.38
CA ASN B 4 -27.85 -4.71 18.28
C ASN B 4 -27.23 -4.43 19.66
N ARG B 5 -26.40 -3.41 19.67
CA ARG B 5 -25.62 -2.93 20.85
C ARG B 5 -24.55 -1.95 20.35
N THR B 6 -24.10 -1.00 21.18
CA THR B 6 -23.06 -0.05 20.78
C THR B 6 -21.71 -0.79 20.70
N LEU B 7 -20.94 -0.56 19.63
CA LEU B 7 -19.61 -1.17 19.49
C LEU B 7 -18.60 -0.34 20.27
N ILE B 8 -17.67 -1.01 20.96
CA ILE B 8 -16.62 -0.34 21.71
C ILE B 8 -15.41 -0.20 20.84
N VAL B 9 -14.94 1.04 20.65
CA VAL B 9 -13.78 1.33 19.83
C VAL B 9 -12.61 1.76 20.70
N THR B 10 -11.52 0.96 20.72
CA THR B 10 -10.28 1.33 21.40
C THR B 10 -9.46 2.22 20.44
N THR B 11 -8.83 3.26 20.98
CA THR B 11 -8.00 4.17 20.19
C THR B 11 -6.93 4.79 21.07
N ILE B 12 -6.12 5.67 20.48
CA ILE B 12 -4.99 6.32 21.12
C ILE B 12 -4.82 7.73 20.56
N LEU B 13 -4.34 8.67 21.40
CA LEU B 13 -4.08 10.01 20.91
C LEU B 13 -2.84 10.03 20.05
N GLU B 14 -2.96 10.55 18.81
CA GLU B 14 -1.86 10.63 17.82
C GLU B 14 -2.27 11.58 16.73
N GLU B 15 -1.53 12.67 16.59
CA GLU B 15 -1.85 13.70 15.62
C GLU B 15 -1.51 13.29 14.19
N PRO B 16 -2.39 13.55 13.18
CA PRO B 16 -3.76 14.09 13.23
C PRO B 16 -4.86 13.00 13.20
N TYR B 17 -4.55 11.77 13.61
CA TYR B 17 -5.49 10.65 13.55
C TYR B 17 -6.58 10.76 14.58
N VAL B 18 -6.17 10.89 15.86
CA VAL B 18 -7.08 11.04 16.99
C VAL B 18 -6.57 12.19 17.84
N MET B 19 -7.38 13.24 17.95
CA MET B 19 -7.00 14.45 18.68
C MET B 19 -8.08 14.90 19.59
N TYR B 20 -7.69 15.58 20.68
CA TYR B 20 -8.63 16.18 21.62
C TYR B 20 -9.11 17.50 20.96
N ARG B 21 -10.44 17.59 20.82
CA ARG B 21 -11.12 18.71 20.16
C ARG B 21 -11.12 19.95 21.01
N LYS B 22 -10.71 21.07 20.41
CA LYS B 22 -10.70 22.38 21.07
C LYS B 22 -12.13 22.91 21.07
N SER B 23 -12.64 23.26 22.26
CA SER B 23 -13.99 23.79 22.41
C SER B 23 -13.99 24.82 23.52
N ASP B 24 -14.90 25.83 23.42
CA ASP B 24 -15.09 26.89 24.43
C ASP B 24 -16.00 26.40 25.58
N LYS B 25 -16.77 25.32 25.34
CA LYS B 25 -17.66 24.70 26.31
C LYS B 25 -17.36 23.22 26.46
N PRO B 26 -17.68 22.59 27.61
CA PRO B 26 -17.32 21.18 27.78
C PRO B 26 -17.99 20.22 26.81
N LEU B 27 -17.21 19.27 26.29
CA LEU B 27 -17.69 18.22 25.40
C LEU B 27 -17.73 16.86 26.09
N TYR B 28 -18.64 15.98 25.63
CA TYR B 28 -18.84 14.65 26.22
C TYR B 28 -18.82 13.52 25.19
N GLY B 29 -18.40 12.34 25.63
CA GLY B 29 -18.35 11.15 24.79
C GLY B 29 -17.50 11.30 23.56
N ASN B 30 -17.97 10.82 22.43
CA ASN B 30 -17.23 10.85 21.19
C ASN B 30 -16.98 12.23 20.66
N ASP B 31 -17.80 13.18 21.07
CA ASP B 31 -17.68 14.58 20.64
C ASP B 31 -16.33 15.18 21.05
N ARG B 32 -15.67 14.64 22.09
CA ARG B 32 -14.39 15.12 22.60
C ARG B 32 -13.27 14.94 21.66
N PHE B 33 -13.44 14.08 20.63
CA PHE B 33 -12.38 13.74 19.69
C PHE B 33 -12.62 14.15 18.27
N GLU B 34 -11.54 14.31 17.51
CA GLU B 34 -11.58 14.64 16.10
C GLU B 34 -10.32 14.10 15.45
N GLY B 35 -10.33 14.06 14.14
CA GLY B 35 -9.16 13.63 13.40
C GLY B 35 -9.50 12.70 12.29
N TYR B 36 -8.48 12.28 11.55
CA TYR B 36 -8.59 11.38 10.40
C TYR B 36 -9.30 10.09 10.81
N CYS B 37 -8.89 9.49 11.91
CA CYS B 37 -9.52 8.27 12.35
C CYS B 37 -10.95 8.42 12.77
N LEU B 38 -11.32 9.56 13.38
CA LEU B 38 -12.73 9.81 13.77
C LEU B 38 -13.59 9.98 12.51
N ASP B 39 -13.05 10.60 11.47
CA ASP B 39 -13.74 10.73 10.20
C ASP B 39 -13.91 9.37 9.54
N LEU B 40 -12.86 8.53 9.57
CA LEU B 40 -12.92 7.15 9.04
C LEU B 40 -13.99 6.35 9.81
N LEU B 41 -14.02 6.46 11.16
CA LEU B 41 -14.99 5.78 12.00
C LEU B 41 -16.41 6.22 11.67
N LYS B 42 -16.64 7.53 11.46
CA LYS B 42 -17.97 8.01 11.11
C LYS B 42 -18.37 7.44 9.76
N GLU B 43 -17.46 7.43 8.80
CA GLU B 43 -17.70 6.90 7.45
C GLU B 43 -18.02 5.42 7.52
N LEU B 44 -17.27 4.65 8.29
CA LEU B 44 -17.51 3.22 8.45
C LEU B 44 -18.86 3.02 9.09
N SER B 45 -19.23 3.83 10.11
CA SER B 45 -20.53 3.67 10.77
C SER B 45 -21.68 4.03 9.83
N ASN B 46 -21.44 4.95 8.90
CA ASN B 46 -22.45 5.34 7.93
C ASN B 46 -22.69 4.20 6.95
N ILE B 47 -21.62 3.57 6.46
CA ILE B 47 -21.70 2.49 5.49
C ILE B 47 -22.25 1.20 6.10
N LEU B 48 -21.78 0.85 7.30
CA LEU B 48 -22.08 -0.41 7.94
C LEU B 48 -23.24 -0.38 8.93
N GLY B 49 -23.69 0.82 9.29
CA GLY B 49 -24.81 0.96 10.20
C GLY B 49 -24.57 0.48 11.62
N PHE B 50 -23.60 1.09 12.30
CA PHE B 50 -23.38 0.80 13.72
C PHE B 50 -23.27 2.09 14.52
N ILE B 51 -23.55 2.01 15.83
CA ILE B 51 -23.30 3.10 16.76
C ILE B 51 -22.05 2.68 17.52
N TYR B 52 -21.27 3.65 17.98
CA TYR B 52 -19.99 3.33 18.61
C TYR B 52 -19.67 4.22 19.80
N ASP B 53 -18.82 3.70 20.70
CA ASP B 53 -18.32 4.40 21.87
C ASP B 53 -16.80 4.37 21.80
N VAL B 54 -16.17 5.54 21.65
CA VAL B 54 -14.71 5.66 21.61
C VAL B 54 -14.12 5.72 23.02
N LYS B 55 -13.18 4.82 23.31
CA LYS B 55 -12.51 4.75 24.60
C LYS B 55 -11.02 4.71 24.39
N LEU B 56 -10.27 5.68 24.95
CA LEU B 56 -8.82 5.63 24.84
C LEU B 56 -8.26 4.39 25.60
N VAL B 57 -7.27 3.74 24.98
CA VAL B 57 -6.62 2.57 25.56
C VAL B 57 -6.01 2.98 26.94
N PRO B 58 -6.42 2.31 28.05
CA PRO B 58 -5.96 2.76 29.37
C PRO B 58 -4.46 2.91 29.54
N ASP B 59 -3.66 1.98 29.00
CA ASP B 59 -2.20 2.05 29.16
C ASP B 59 -1.47 2.97 28.13
N GLY B 60 -2.21 3.63 27.24
CA GLY B 60 -1.64 4.51 26.24
C GLY B 60 -0.68 3.87 25.26
N LYS B 61 -0.77 2.56 25.01
CA LYS B 61 0.12 1.85 24.10
C LYS B 61 -0.58 1.27 22.84
N TYR B 62 0.16 1.10 21.73
CA TYR B 62 -0.38 0.49 20.53
C TYR B 62 -0.52 -1.02 20.75
N GLY B 63 0.54 -1.72 21.14
CA GLY B 63 0.50 -3.16 21.35
C GLY B 63 1.80 -3.92 21.04
N ALA B 64 2.42 -4.47 22.09
CA ALA B 64 3.64 -5.29 22.02
C ALA B 64 3.63 -6.34 23.10
N GLN B 65 4.65 -7.23 23.16
CA GLN B 65 4.71 -8.33 24.15
C GLN B 65 5.95 -8.34 25.00
N ASN B 66 5.80 -8.91 26.20
CA ASN B 66 6.95 -9.15 27.08
C ASN B 66 7.54 -10.53 26.65
N ASP B 67 8.65 -10.99 27.27
CA ASP B 67 9.28 -12.28 26.91
C ASP B 67 8.38 -13.49 27.12
N LYS B 68 7.36 -13.35 27.99
CA LYS B 68 6.38 -14.40 28.33
C LYS B 68 5.19 -14.41 27.36
N GLY B 69 5.16 -13.43 26.46
CA GLY B 69 4.13 -13.33 25.43
C GLY B 69 2.90 -12.52 25.76
N GLU B 70 2.91 -11.82 26.90
CA GLU B 70 1.79 -10.99 27.31
C GLU B 70 1.77 -9.73 26.52
N TRP B 71 0.66 -9.56 25.82
CA TRP B 71 0.38 -8.38 25.01
C TRP B 71 -0.11 -7.24 25.88
N ASN B 72 0.09 -6.01 25.40
CA ASN B 72 -0.43 -4.80 26.02
C ASN B 72 -1.21 -3.96 24.99
N GLY B 73 -1.60 -2.75 25.39
CA GLY B 73 -2.20 -1.75 24.50
C GLY B 73 -3.49 -2.13 23.81
N MET B 74 -3.75 -1.51 22.64
CA MET B 74 -4.97 -1.75 21.87
C MET B 74 -5.09 -3.21 21.47
N VAL B 75 -3.95 -3.84 21.13
CA VAL B 75 -3.93 -5.25 20.73
C VAL B 75 -4.51 -6.11 21.87
N LYS B 76 -4.09 -5.82 23.12
CA LYS B 76 -4.58 -6.57 24.28
C LYS B 76 -6.06 -6.35 24.52
N GLU B 77 -6.55 -5.11 24.32
CA GLU B 77 -7.97 -4.81 24.48
C GLU B 77 -8.81 -5.67 23.55
N LEU B 78 -8.32 -5.89 22.32
CA LEU B 78 -9.00 -6.70 21.33
C LEU B 78 -8.93 -8.17 21.71
N ILE B 79 -7.73 -8.66 22.05
CA ILE B 79 -7.51 -10.06 22.48
C ILE B 79 -8.47 -10.46 23.64
N ASP B 80 -8.63 -9.57 24.62
CA ASP B 80 -9.45 -9.83 25.77
C ASP B 80 -10.92 -9.52 25.60
N HIS B 81 -11.32 -9.09 24.39
CA HIS B 81 -12.69 -8.76 24.05
C HIS B 81 -13.23 -7.60 24.87
N ARG B 82 -12.37 -6.62 25.16
CA ARG B 82 -12.79 -5.40 25.84
C ARG B 82 -13.10 -4.29 24.81
N ALA B 83 -12.78 -4.55 23.52
CA ALA B 83 -13.08 -3.64 22.40
C ALA B 83 -13.48 -4.47 21.19
N ASP B 84 -14.35 -3.91 20.35
CA ASP B 84 -14.81 -4.55 19.13
C ASP B 84 -13.91 -4.16 17.97
N LEU B 85 -13.43 -2.90 17.96
CA LEU B 85 -12.57 -2.38 16.90
C LEU B 85 -11.49 -1.56 17.50
N ALA B 86 -10.36 -1.46 16.80
CA ALA B 86 -9.28 -0.55 17.13
C ALA B 86 -9.11 0.36 15.91
N VAL B 87 -9.52 1.63 16.02
CA VAL B 87 -9.40 2.54 14.88
C VAL B 87 -8.33 3.55 15.25
N ALA B 88 -7.13 3.34 14.71
CA ALA B 88 -5.93 4.10 15.02
C ALA B 88 -4.89 3.82 13.93
N PRO B 89 -3.77 4.61 13.85
CA PRO B 89 -2.69 4.27 12.91
C PRO B 89 -1.92 3.03 13.49
N LEU B 90 -2.60 1.87 13.48
CA LEU B 90 -2.09 0.60 14.00
C LEU B 90 -1.51 -0.20 12.85
N THR B 91 -0.17 -0.36 12.81
CA THR B 91 0.50 -1.06 11.73
C THR B 91 0.16 -2.54 11.67
N ILE B 92 -0.13 -3.03 10.46
CA ILE B 92 -0.42 -4.44 10.24
C ILE B 92 0.94 -5.12 10.22
N THR B 93 1.22 -5.96 11.22
CA THR B 93 2.50 -6.68 11.31
C THR B 93 2.27 -8.15 11.47
N TYR B 94 3.27 -8.92 11.09
CA TYR B 94 3.25 -10.37 11.18
C TYR B 94 2.88 -10.83 12.60
N VAL B 95 3.54 -10.29 13.62
CA VAL B 95 3.30 -10.73 15.01
C VAL B 95 1.89 -10.45 15.50
N ARG B 96 1.33 -9.30 15.13
CA ARG B 96 -0.01 -8.89 15.55
C ARG B 96 -1.08 -9.69 14.83
N GLU B 97 -0.85 -9.96 13.54
CA GLU B 97 -1.76 -10.68 12.69
C GLU B 97 -1.98 -12.12 13.22
N LYS B 98 -1.01 -12.63 14.00
CA LYS B 98 -1.10 -13.94 14.62
C LYS B 98 -2.05 -13.94 15.83
N VAL B 99 -2.36 -12.78 16.42
CA VAL B 99 -3.22 -12.70 17.63
C VAL B 99 -4.52 -11.88 17.49
N ILE B 100 -4.57 -10.93 16.56
CA ILE B 100 -5.78 -10.15 16.25
C ILE B 100 -6.01 -10.18 14.75
N ASP B 101 -7.14 -9.66 14.28
CA ASP B 101 -7.38 -9.56 12.85
C ASP B 101 -7.34 -8.12 12.45
N PHE B 102 -7.00 -7.83 11.20
CA PHE B 102 -6.97 -6.47 10.68
C PHE B 102 -7.78 -6.38 9.42
N SER B 103 -8.48 -5.26 9.24
CA SER B 103 -9.07 -4.98 7.95
C SER B 103 -7.89 -4.81 6.94
N LYS B 104 -8.19 -4.73 5.64
CA LYS B 104 -7.14 -4.40 4.68
C LYS B 104 -6.71 -2.97 4.97
N PRO B 105 -5.51 -2.52 4.57
CA PRO B 105 -5.08 -1.17 5.00
C PRO B 105 -5.93 -0.02 4.52
N PHE B 106 -6.11 1.00 5.37
CA PHE B 106 -6.79 2.24 4.99
C PHE B 106 -5.73 3.27 4.57
N MET B 107 -4.45 3.03 4.93
CA MET B 107 -3.33 3.88 4.56
C MET B 107 -2.09 2.99 4.38
N THR B 108 -1.33 3.17 3.27
CA THR B 108 -0.06 2.50 2.99
C THR B 108 1.08 3.55 3.10
N LEU B 109 2.20 3.16 3.68
CA LEU B 109 3.31 4.05 3.95
C LEU B 109 4.63 3.25 3.99
N GLY B 110 5.66 3.87 4.52
CA GLY B 110 6.91 3.17 4.76
C GLY B 110 7.86 4.03 5.54
N ILE B 111 9.05 3.50 5.88
CA ILE B 111 10.09 4.28 6.52
C ILE B 111 10.64 5.21 5.44
N SER B 112 10.93 6.45 5.81
CA SER B 112 11.59 7.39 4.94
C SER B 112 12.46 8.33 5.79
N ILE B 113 13.04 9.37 5.19
CA ILE B 113 13.97 10.26 5.88
C ILE B 113 13.45 11.69 6.00
N LEU B 114 13.54 12.25 7.21
CA LEU B 114 13.20 13.65 7.47
C LEU B 114 14.52 14.40 7.62
N TYR B 115 14.73 15.45 6.80
CA TYR B 115 15.95 16.27 6.83
C TYR B 115 15.63 17.71 6.40
N ARG B 116 16.66 18.59 6.34
CA ARG B 116 16.49 19.98 5.92
C ARG B 116 16.44 20.09 4.40
N LYS B 117 15.78 21.15 3.91
CA LYS B 117 15.63 21.40 2.48
C LYS B 117 16.93 21.90 1.79
N GLY B 118 17.04 21.61 0.50
CA GLY B 118 18.10 22.10 -0.37
C GLY B 118 19.53 21.64 -0.16
N THR B 119 19.72 20.36 0.19
CA THR B 119 21.05 19.78 0.37
C THR B 119 21.28 18.76 -0.76
N PRO B 120 22.52 18.26 -0.98
CA PRO B 120 22.71 17.26 -2.05
C PRO B 120 22.39 15.81 -1.64
N ILE B 121 21.75 15.61 -0.46
CA ILE B 121 21.34 14.27 0.00
C ILE B 121 20.02 13.90 -0.68
N ASP B 122 19.99 12.75 -1.35
CA ASP B 122 18.81 12.32 -2.10
C ASP B 122 18.35 10.90 -1.75
N SER B 123 19.06 10.21 -0.85
CA SER B 123 18.76 8.82 -0.52
C SER B 123 19.42 8.36 0.77
N ALA B 124 19.02 7.15 1.22
CA ALA B 124 19.58 6.46 2.37
C ALA B 124 21.06 6.16 2.09
N ASP B 125 21.36 5.77 0.84
CA ASP B 125 22.73 5.49 0.39
C ASP B 125 23.64 6.67 0.57
N ASP B 126 23.17 7.88 0.22
CA ASP B 126 23.92 9.13 0.40
C ASP B 126 24.28 9.33 1.87
N LEU B 127 23.32 9.11 2.78
CA LEU B 127 23.59 9.24 4.21
C LEU B 127 24.58 8.19 4.66
N ALA B 128 24.40 6.94 4.19
CA ALA B 128 25.21 5.79 4.58
C ALA B 128 26.70 5.98 4.26
N LYS B 129 27.02 6.63 3.12
CA LYS B 129 28.40 6.76 2.65
C LYS B 129 29.15 7.97 3.22
N GLN B 130 28.52 8.74 4.12
CA GLN B 130 29.17 9.88 4.75
C GLN B 130 29.05 9.82 6.27
N THR B 131 29.66 10.75 6.99
CA THR B 131 29.62 10.73 8.45
C THR B 131 29.38 12.13 9.05
N LYS B 132 29.51 13.20 8.24
CA LYS B 132 29.29 14.59 8.68
C LYS B 132 27.85 14.83 9.18
N ILE B 133 26.88 14.27 8.44
CA ILE B 133 25.46 14.37 8.76
C ILE B 133 25.12 13.16 9.62
N GLU B 134 24.64 13.41 10.84
CA GLU B 134 24.23 12.31 11.70
C GLU B 134 22.83 11.88 11.31
N TYR B 135 22.47 10.63 11.63
CA TYR B 135 21.15 10.09 11.37
C TYR B 135 20.83 8.99 12.33
N GLY B 136 19.54 8.81 12.57
CA GLY B 136 19.07 7.79 13.47
C GLY B 136 17.56 7.71 13.50
N ALA B 137 17.05 7.09 14.56
CA ALA B 137 15.63 6.86 14.77
C ALA B 137 15.32 6.85 16.27
N VAL B 138 14.02 6.75 16.60
CA VAL B 138 13.56 6.64 17.98
C VAL B 138 14.05 5.28 18.53
N ARG B 139 14.75 5.28 19.69
CA ARG B 139 15.27 4.05 20.28
C ARG B 139 14.12 3.11 20.58
N ASP B 140 14.28 1.84 20.17
CA ASP B 140 13.32 0.75 20.36
C ASP B 140 11.95 1.01 19.70
N GLY B 141 11.91 1.83 18.65
CA GLY B 141 10.71 2.10 17.87
C GLY B 141 10.62 1.12 16.73
N SER B 142 9.58 1.24 15.90
CA SER B 142 9.39 0.36 14.75
C SER B 142 10.55 0.54 13.76
N THR B 143 10.94 1.81 13.49
CA THR B 143 12.00 2.14 12.54
C THR B 143 13.36 1.61 12.99
N MET B 144 13.73 1.75 14.28
CA MET B 144 15.01 1.23 14.76
C MET B 144 15.11 -0.28 14.49
N THR B 145 14.08 -1.05 14.88
CA THR B 145 13.98 -2.50 14.71
C THR B 145 14.24 -2.93 13.24
N PHE B 146 13.63 -2.21 12.27
CA PHE B 146 13.83 -2.48 10.86
C PHE B 146 15.31 -2.52 10.50
N PHE B 147 16.06 -1.50 10.94
CA PHE B 147 17.49 -1.42 10.64
C PHE B 147 18.33 -2.48 11.33
N LYS B 148 17.99 -2.79 12.59
CA LYS B 148 18.69 -3.78 13.38
C LYS B 148 18.63 -5.17 12.74
N LYS B 149 17.47 -5.52 12.14
CA LYS B 149 17.21 -6.84 11.56
C LYS B 149 17.54 -6.95 10.06
N SER B 150 17.72 -5.81 9.38
CA SER B 150 17.98 -5.78 7.94
C SER B 150 19.26 -6.46 7.50
N LYS B 151 19.18 -7.21 6.40
CA LYS B 151 20.31 -7.89 5.79
C LYS B 151 20.70 -7.19 4.46
N ILE B 152 20.11 -6.00 4.22
CA ILE B 152 20.38 -5.20 3.05
C ILE B 152 21.60 -4.35 3.35
N SER B 153 22.63 -4.48 2.50
CA SER B 153 23.95 -3.84 2.61
C SER B 153 23.95 -2.41 3.19
N THR B 154 23.20 -1.52 2.53
CA THR B 154 23.12 -0.13 2.88
C THR B 154 22.48 0.04 4.30
N TYR B 155 21.43 -0.74 4.61
CA TYR B 155 20.73 -0.65 5.89
C TYR B 155 21.54 -1.28 7.03
N GLU B 156 22.29 -2.35 6.75
CA GLU B 156 23.19 -2.97 7.72
C GLU B 156 24.29 -1.95 8.05
N LYS B 157 24.79 -1.24 7.02
CA LYS B 157 25.83 -0.21 7.17
C LYS B 157 25.29 0.93 8.03
N MET B 158 24.05 1.37 7.75
CA MET B 158 23.38 2.43 8.51
C MET B 158 23.17 2.03 9.97
N TRP B 159 22.79 0.78 10.20
CA TRP B 159 22.60 0.28 11.55
C TRP B 159 23.89 0.29 12.33
N ALA B 160 25.02 -0.04 11.66
CA ALA B 160 26.34 -0.03 12.29
C ALA B 160 26.66 1.35 12.80
N PHE B 161 26.34 2.38 12.01
CA PHE B 161 26.54 3.77 12.41
C PHE B 161 25.57 4.18 13.53
N MET B 162 24.29 3.82 13.39
CA MET B 162 23.27 4.15 14.37
C MET B 162 23.51 3.51 15.74
N SER B 163 24.28 2.42 15.80
CA SER B 163 24.54 1.65 17.03
C SER B 163 25.95 1.77 17.55
N SER B 164 26.77 2.60 16.92
CA SER B 164 28.10 2.96 17.36
C SER B 164 27.86 4.11 18.37
N ARG B 165 26.99 5.09 17.96
CA ARG B 165 26.57 6.31 18.64
C ARG B 165 25.18 6.14 19.29
N GLN B 166 25.10 5.21 20.27
CA GLN B 166 23.92 4.85 21.07
C GLN B 166 23.10 6.05 21.47
N GLN B 167 23.81 7.09 21.91
CA GLN B 167 23.27 8.35 22.42
C GLN B 167 23.16 9.45 21.32
N THR B 168 24.25 9.87 20.65
CA THR B 168 24.14 10.93 19.62
C THR B 168 23.23 10.55 18.45
N ALA B 169 23.35 9.28 17.97
CA ALA B 169 22.57 8.80 16.83
C ALA B 169 21.11 8.50 17.13
N LEU B 170 20.78 7.86 18.26
CA LEU B 170 19.37 7.56 18.53
C LEU B 170 18.71 8.58 19.41
N VAL B 171 17.38 8.70 19.34
CA VAL B 171 16.61 9.65 20.14
C VAL B 171 15.68 8.91 21.10
N ARG B 172 15.40 9.51 22.27
CA ARG B 172 14.59 8.88 23.32
C ARG B 172 13.10 8.74 22.93
N ASN B 173 12.57 9.76 22.22
CA ASN B 173 11.21 9.81 21.75
C ASN B 173 11.16 10.58 20.45
N SER B 174 9.98 10.60 19.79
CA SER B 174 9.77 11.30 18.53
C SER B 174 9.91 12.82 18.66
N ASP B 175 9.50 13.38 19.81
CA ASP B 175 9.59 14.82 20.11
C ASP B 175 11.08 15.28 20.07
N GLU B 176 11.96 14.49 20.71
CA GLU B 176 13.40 14.72 20.77
C GLU B 176 14.00 14.66 19.36
N GLY B 177 13.51 13.71 18.54
CA GLY B 177 13.95 13.51 17.16
C GLY B 177 13.69 14.71 16.28
N ILE B 178 12.46 15.21 16.32
CA ILE B 178 12.08 16.37 15.53
C ILE B 178 12.87 17.62 15.99
N GLN B 179 13.04 17.78 17.31
CA GLN B 179 13.82 18.88 17.88
C GLN B 179 15.28 18.79 17.39
N ARG B 180 15.82 17.55 17.31
CA ARG B 180 17.18 17.30 16.85
C ARG B 180 17.37 17.64 15.36
N VAL B 181 16.37 17.34 14.52
CA VAL B 181 16.43 17.67 13.09
C VAL B 181 16.46 19.19 12.94
N LEU B 182 15.64 19.87 13.74
CA LEU B 182 15.49 21.32 13.68
C LEU B 182 16.70 22.12 14.23
N THR B 183 17.41 21.56 15.25
CA THR B 183 18.51 22.24 15.98
C THR B 183 19.94 21.78 15.60
N THR B 184 20.10 20.60 14.98
CA THR B 184 21.42 20.06 14.58
C THR B 184 21.42 19.56 13.14
N ASP B 185 22.60 19.19 12.60
CA ASP B 185 22.63 18.63 11.24
C ASP B 185 22.37 17.13 11.41
N TYR B 186 21.08 16.79 11.47
CA TYR B 186 20.60 15.44 11.73
C TYR B 186 19.41 15.07 10.85
N ALA B 187 19.42 13.82 10.36
CA ALA B 187 18.34 13.27 9.56
C ALA B 187 17.65 12.18 10.37
N LEU B 188 16.31 12.23 10.42
CA LEU B 188 15.53 11.27 11.20
C LEU B 188 14.79 10.26 10.28
N LEU B 189 15.01 8.99 10.56
CA LEU B 189 14.36 7.89 9.86
C LEU B 189 13.06 7.65 10.59
N MET B 190 11.97 7.74 9.84
CA MET B 190 10.67 7.69 10.46
C MET B 190 9.56 7.39 9.49
N GLU B 191 8.37 7.13 10.03
CA GLU B 191 7.19 6.77 9.26
C GLU B 191 6.83 7.88 8.33
N SER B 192 6.74 7.58 7.03
CA SER B 192 6.50 8.54 5.98
C SER B 192 5.26 9.37 6.14
N THR B 193 4.17 8.82 6.70
CA THR B 193 2.95 9.59 6.93
C THR B 193 3.27 10.76 7.88
N SER B 194 4.07 10.53 8.94
CA SER B 194 4.44 11.56 9.88
C SER B 194 5.37 12.59 9.23
N ILE B 195 6.23 12.14 8.31
CA ILE B 195 7.08 13.04 7.54
C ILE B 195 6.20 14.00 6.74
N GLU B 196 5.18 13.49 6.04
CA GLU B 196 4.25 14.32 5.24
C GLU B 196 3.58 15.36 6.11
N TYR B 197 3.17 14.96 7.31
CA TYR B 197 2.50 15.84 8.23
C TYR B 197 3.40 16.99 8.63
N VAL B 198 4.64 16.65 9.05
CA VAL B 198 5.64 17.61 9.52
C VAL B 198 6.10 18.56 8.39
N THR B 199 6.36 18.04 7.20
CA THR B 199 6.82 18.88 6.10
C THR B 199 5.75 19.84 5.55
N GLN B 200 4.47 19.61 5.84
CA GLN B 200 3.41 20.54 5.41
C GLN B 200 3.34 21.73 6.40
N ARG B 201 3.95 21.57 7.56
CA ARG B 201 3.91 22.55 8.62
C ARG B 201 5.27 23.23 8.88
N ASN B 202 6.37 22.68 8.31
CA ASN B 202 7.72 23.22 8.46
C ASN B 202 8.33 23.32 7.07
N CYS B 203 8.29 24.51 6.48
CA CYS B 203 8.78 24.67 5.10
C CYS B 203 10.28 24.43 4.93
N ASN B 204 11.06 24.50 6.03
CA ASN B 204 12.50 24.26 6.03
C ASN B 204 12.84 22.75 5.96
N LEU B 205 11.83 21.87 6.18
CA LEU B 205 12.02 20.43 6.18
C LEU B 205 11.45 19.75 4.97
N THR B 206 12.05 18.61 4.61
CA THR B 206 11.63 17.82 3.45
C THR B 206 11.84 16.33 3.70
N GLN B 207 11.15 15.52 2.88
CA GLN B 207 11.39 14.09 2.85
C GLN B 207 12.59 13.89 1.91
N ILE B 208 13.49 12.96 2.28
CA ILE B 208 14.64 12.60 1.46
C ILE B 208 14.43 11.20 0.88
N GLY B 209 14.41 11.11 -0.44
CA GLY B 209 14.20 9.83 -1.13
C GLY B 209 12.79 9.28 -0.96
N GLY B 210 12.61 8.00 -1.34
CA GLY B 210 11.33 7.33 -1.26
C GLY B 210 11.16 6.46 -0.03
N LEU B 211 10.37 5.41 -0.16
CA LEU B 211 10.08 4.50 0.95
C LEU B 211 11.13 3.40 1.07
N ILE B 212 11.65 3.21 2.27
CA ILE B 212 12.66 2.21 2.60
C ILE B 212 12.03 0.82 2.82
N ASP B 213 10.79 0.79 3.32
CA ASP B 213 10.02 -0.44 3.43
C ASP B 213 8.59 -0.17 3.01
N SER B 214 7.69 -1.13 3.26
CA SER B 214 6.28 -0.96 2.89
C SER B 214 5.40 -1.53 3.97
N LYS B 215 4.48 -0.73 4.49
CA LYS B 215 3.57 -1.21 5.54
C LYS B 215 2.27 -0.44 5.46
N GLY B 216 1.27 -0.86 6.22
CA GLY B 216 -0.02 -0.20 6.19
C GLY B 216 -0.69 -0.22 7.52
N TYR B 217 -1.64 0.69 7.70
CA TYR B 217 -2.44 0.75 8.92
C TYR B 217 -3.79 0.10 8.63
N GLY B 218 -4.27 -0.70 9.56
CA GLY B 218 -5.57 -1.34 9.39
C GLY B 218 -6.42 -1.20 10.64
N VAL B 219 -7.74 -1.36 10.50
CA VAL B 219 -8.64 -1.37 11.65
C VAL B 219 -8.45 -2.72 12.30
N GLY B 220 -8.20 -2.74 13.59
CA GLY B 220 -7.99 -4.00 14.30
C GLY B 220 -9.29 -4.55 14.84
N THR B 221 -9.46 -5.87 14.82
CA THR B 221 -10.64 -6.51 15.40
C THR B 221 -10.14 -7.72 16.19
N PRO B 222 -10.93 -8.31 17.12
CA PRO B 222 -10.51 -9.57 17.73
C PRO B 222 -10.43 -10.63 16.63
N ILE B 223 -9.59 -11.64 16.84
CA ILE B 223 -9.48 -12.73 15.85
C ILE B 223 -10.85 -13.42 15.71
N GLY B 224 -11.22 -13.69 14.48
CA GLY B 224 -12.51 -14.30 14.15
C GLY B 224 -13.69 -13.36 13.99
N SER B 225 -13.51 -12.06 14.18
CA SER B 225 -14.64 -11.13 14.10
C SER B 225 -15.27 -11.03 12.69
N PRO B 226 -16.62 -11.12 12.62
CA PRO B 226 -17.31 -10.93 11.33
C PRO B 226 -17.22 -9.49 10.77
N TYR B 227 -16.89 -8.51 11.65
CA TYR B 227 -16.78 -7.12 11.27
C TYR B 227 -15.54 -6.87 10.40
N ARG B 228 -14.50 -7.72 10.51
CA ARG B 228 -13.26 -7.53 9.77
C ARG B 228 -13.51 -7.44 8.31
N ASP B 229 -14.20 -8.41 7.72
CA ASP B 229 -14.43 -8.39 6.27
C ASP B 229 -15.39 -7.32 5.85
N LYS B 230 -16.36 -6.95 6.70
CA LYS B 230 -17.29 -5.84 6.37
C LYS B 230 -16.54 -4.51 6.38
N ILE B 231 -15.58 -4.32 7.29
CA ILE B 231 -14.76 -3.12 7.36
C ILE B 231 -13.85 -3.04 6.15
N THR B 232 -13.27 -4.17 5.72
CA THR B 232 -12.46 -4.20 4.51
C THR B 232 -13.26 -3.72 3.31
N ILE B 233 -14.48 -4.17 3.17
CA ILE B 233 -15.33 -3.77 2.03
C ILE B 233 -15.64 -2.25 2.10
N ALA B 234 -15.93 -1.73 3.28
CA ALA B 234 -16.24 -0.34 3.45
C ALA B 234 -15.01 0.53 3.10
N ILE B 235 -13.79 0.08 3.51
CA ILE B 235 -12.54 0.80 3.22
C ILE B 235 -12.38 0.86 1.71
N LEU B 236 -12.63 -0.26 0.99
CA LEU B 236 -12.49 -0.33 -0.47
C LEU B 236 -13.46 0.56 -1.15
N GLN B 237 -14.70 0.63 -0.62
CA GLN B 237 -15.73 1.53 -1.12
C GLN B 237 -15.23 2.99 -0.94
N LEU B 238 -14.71 3.35 0.26
CA LEU B 238 -14.19 4.69 0.52
C LEU B 238 -13.06 5.07 -0.41
N GLN B 239 -12.19 4.10 -0.72
CA GLN B 239 -11.08 4.36 -1.62
C GLN B 239 -11.61 4.67 -3.02
N GLU B 240 -12.54 3.84 -3.52
CA GLU B 240 -13.08 4.01 -4.85
C GLU B 240 -13.89 5.28 -4.98
N GLU B 241 -14.49 5.75 -3.87
CA GLU B 241 -15.26 7.00 -3.83
C GLU B 241 -14.34 8.25 -3.75
N GLY B 242 -13.05 8.03 -3.57
CA GLY B 242 -12.12 9.12 -3.41
C GLY B 242 -12.09 9.71 -2.02
N LYS B 243 -12.85 9.12 -1.08
CA LYS B 243 -12.93 9.65 0.28
C LYS B 243 -11.68 9.45 1.11
N LEU B 244 -10.88 8.38 0.85
CA LEU B 244 -9.63 8.22 1.60
C LEU B 244 -8.64 9.34 1.24
N HIS B 245 -8.60 9.71 -0.05
CA HIS B 245 -7.81 10.82 -0.57
C HIS B 245 -8.27 12.15 0.07
N MET B 246 -9.58 12.42 0.05
CA MET B 246 -10.10 13.66 0.65
C MET B 246 -9.84 13.76 2.15
N MET B 247 -9.95 12.65 2.88
CA MET B 247 -9.71 12.64 4.32
C MET B 247 -8.26 12.92 4.63
N LYS B 248 -7.32 12.35 3.85
CA LYS B 248 -5.89 12.56 4.01
C LYS B 248 -5.59 14.04 3.76
N GLU B 249 -6.06 14.60 2.62
CA GLU B 249 -5.88 16.03 2.28
C GLU B 249 -6.38 16.91 3.43
N LYS B 250 -7.61 16.66 3.89
CA LYS B 250 -8.21 17.43 4.95
C LYS B 250 -7.27 17.60 6.16
N TRP B 251 -6.72 16.49 6.67
CA TRP B 251 -5.92 16.52 7.88
C TRP B 251 -4.43 16.81 7.69
N TRP B 252 -3.88 16.53 6.51
CA TRP B 252 -2.45 16.69 6.25
C TRP B 252 -2.08 18.06 5.71
N ARG B 253 -2.93 18.67 4.88
CA ARG B 253 -2.64 19.97 4.29
C ARG B 253 -2.20 21.04 5.28
N GLY B 254 -1.19 21.79 4.86
CA GLY B 254 -0.68 22.98 5.52
C GLY B 254 -1.12 24.18 4.70
N ASN B 255 -0.85 25.41 5.16
CA ASN B 255 -1.30 26.52 4.32
C ASN B 255 -0.34 26.89 3.18
N GLY B 256 0.72 26.11 3.00
CA GLY B 256 1.58 26.33 1.87
C GLY B 256 3.02 26.66 2.14
N CYS B 257 3.89 26.20 1.23
CA CYS B 257 5.33 26.41 1.24
C CYS B 257 5.79 26.90 -0.16
N PRO B 258 6.62 27.97 -0.24
CA PRO B 258 7.06 28.46 -1.56
C PRO B 258 8.13 27.57 -2.22
#